data_3GWS
#
_entry.id   3GWS
#
_cell.length_a   68.974
_cell.length_b   68.974
_cell.length_c   131.247
_cell.angle_alpha   90.00
_cell.angle_beta   90.00
_cell.angle_gamma   120.00
#
_symmetry.space_group_name_H-M   'P 31 2 1'
#
loop_
_entity.id
_entity.type
_entity.pdbx_description
1 polymer 'Thyroid hormone receptor beta'
2 non-polymer "3,5,3'TRIIODOTHYRONINE"
3 water water
#
_entity_poly.entity_id   1
_entity_poly.type   'polypeptide(L)'
_entity_poly.pdbx_seq_one_letter_code
;EELQKSIGHKPEPTDEEWELIKTVTEAHVATNAQGSHWKQKRKFLPEDIGQAPIVNAPEGGKVDLEAFSHFTKIITPAIT
RVVDFAKKLPMF(CAS)ELPCEDQIILLKGCCMEIMSLRAAVRYDPESETLTLNGEMAVTRGQLKNGGLGVVSDAIFDLG
MSLSSFNLDDTEVALLQAVLLMSSDRPGLA(CAS)VERIEKYQDSFLLAFEHYINYRKHHVTHFWPKLLMKVTDLRMIGA
(CAS)HASRFLHMKVECPTELFPPLFLEVFE
;
_entity_poly.pdbx_strand_id   X
#
loop_
_chem_comp.id
_chem_comp.type
_chem_comp.name
_chem_comp.formula
T3 non-polymer 3,5,3'TRIIODOTHYRONINE 'C15 H12 I3 N O4'
#
# COMPACT_ATOMS: atom_id res chain seq x y z
N GLU A 1 -11.86 27.59 2.81
CA GLU A 1 -10.79 26.81 2.21
C GLU A 1 -10.53 27.25 0.77
N GLU A 2 -11.57 27.15 -0.06
CA GLU A 2 -11.49 27.57 -1.46
C GLU A 2 -11.05 29.02 -1.58
N LEU A 3 -11.50 29.84 -0.64
CA LEU A 3 -11.15 31.25 -0.60
C LEU A 3 -9.68 31.41 -0.22
N GLN A 4 -9.26 30.64 0.77
CA GLN A 4 -7.90 30.67 1.28
C GLN A 4 -6.88 30.28 0.21
N LYS A 5 -7.21 29.24 -0.57
CA LYS A 5 -6.36 28.79 -1.65
C LYS A 5 -6.28 29.84 -2.76
N SER A 6 -7.39 30.53 -3.00
CA SER A 6 -7.42 31.61 -3.98
C SER A 6 -6.37 32.67 -3.68
N ILE A 7 -6.36 33.16 -2.45
CA ILE A 7 -5.38 34.16 -2.03
C ILE A 7 -3.97 33.63 -2.22
N GLY A 8 -3.83 32.31 -2.23
CA GLY A 8 -2.55 31.68 -2.49
C GLY A 8 -1.90 31.11 -1.25
N HIS A 9 -2.65 31.06 -0.15
CA HIS A 9 -2.16 30.45 1.07
C HIS A 9 -2.32 28.93 0.99
N LYS A 10 -1.33 28.21 1.52
CA LYS A 10 -1.39 26.76 1.55
C LYS A 10 -1.69 26.29 2.96
N PRO A 11 -2.98 26.01 3.24
CA PRO A 11 -3.45 25.70 4.59
C PRO A 11 -2.75 24.49 5.18
N GLU A 12 -2.29 24.61 6.43
CA GLU A 12 -1.70 23.48 7.12
C GLU A 12 -2.73 22.83 8.04
N PRO A 13 -2.43 21.63 8.57
CA PRO A 13 -3.46 20.86 9.28
C PRO A 13 -4.08 21.62 10.46
N THR A 14 -5.39 21.45 10.65
CA THR A 14 -6.05 21.95 11.85
C THR A 14 -5.67 21.05 13.01
N ASP A 15 -5.99 21.46 14.23
CA ASP A 15 -5.73 20.64 15.40
C ASP A 15 -6.48 19.32 15.28
N GLU A 16 -7.65 19.38 14.66
CA GLU A 16 -8.48 18.20 14.43
C GLU A 16 -7.76 17.24 13.49
N GLU A 17 -7.19 17.80 12.43
CA GLU A 17 -6.49 17.00 11.43
C GLU A 17 -5.16 16.45 11.96
N TRP A 18 -4.53 17.17 12.89
CA TRP A 18 -3.30 16.67 13.49
C TRP A 18 -3.58 15.44 14.34
N GLU A 19 -4.76 15.40 14.97
CA GLU A 19 -5.17 14.21 15.72
C GLU A 19 -5.32 13.03 14.77
N LEU A 20 -6.07 13.25 13.70
CA LEU A 20 -6.27 12.23 12.68
C LEU A 20 -4.92 11.75 12.12
N ILE A 21 -4.02 12.71 11.90
CA ILE A 21 -2.71 12.44 11.35
C ILE A 21 -1.85 11.59 12.28
N LYS A 22 -1.93 11.89 13.57
CA LYS A 22 -1.19 11.13 14.57
C LYS A 22 -1.72 9.70 14.65
N THR A 23 -3.04 9.57 14.63
CA THR A 23 -3.70 8.28 14.68
C THR A 23 -3.28 7.38 13.52
N VAL A 24 -3.40 7.91 12.31
CA VAL A 24 -3.07 7.14 11.12
C VAL A 24 -1.59 6.80 11.04
N THR A 25 -0.74 7.77 11.40
CA THR A 25 0.70 7.55 11.39
C THR A 25 1.10 6.42 12.32
N GLU A 26 0.59 6.47 13.55
CA GLU A 26 0.90 5.44 14.54
C GLU A 26 0.39 4.07 14.10
N ALA A 27 -0.80 4.03 13.53
CA ALA A 27 -1.36 2.79 13.00
C ALA A 27 -0.42 2.15 11.98
N HIS A 28 0.21 2.99 11.16
CA HIS A 28 1.11 2.49 10.12
C HIS A 28 2.45 2.05 10.69
N VAL A 29 3.02 2.87 11.57
CA VAL A 29 4.32 2.59 12.15
C VAL A 29 4.30 1.29 12.96
N ALA A 30 3.20 1.07 13.68
CA ALA A 30 3.08 -0.12 14.51
C ALA A 30 2.96 -1.39 13.67
N THR A 31 2.39 -1.27 12.47
CA THR A 31 2.15 -2.42 11.62
C THR A 31 3.07 -2.44 10.39
N ASN A 32 4.12 -1.63 10.43
CA ASN A 32 5.11 -1.62 9.36
C ASN A 32 6.28 -2.54 9.73
N ALA A 33 6.38 -3.67 9.05
CA ALA A 33 7.37 -4.69 9.39
C ALA A 33 8.78 -4.13 9.53
N GLN A 34 9.45 -4.47 10.63
CA GLN A 34 10.85 -4.12 10.86
C GLN A 34 11.08 -2.62 11.04
N GLY A 35 10.01 -1.89 11.36
CA GLY A 35 10.12 -0.48 11.66
C GLY A 35 11.00 0.33 10.74
N SER A 36 12.03 0.93 11.32
CA SER A 36 12.93 1.83 10.58
C SER A 36 14.31 1.24 10.36
N HIS A 37 14.53 0.04 10.87
CA HIS A 37 15.83 -0.62 10.74
C HIS A 37 15.81 -1.69 9.65
N TRP A 38 14.97 -1.48 8.64
CA TRP A 38 14.72 -2.52 7.64
C TRP A 38 15.92 -2.88 6.77
N LYS A 39 16.77 -1.90 6.46
CA LYS A 39 17.90 -2.13 5.58
C LYS A 39 18.92 -3.11 6.15
N GLN A 40 19.23 -2.97 7.43
CA GLN A 40 20.19 -3.86 8.10
C GLN A 40 19.63 -5.27 8.22
N LYS A 41 18.31 -5.37 8.44
CA LYS A 41 17.68 -6.64 8.74
C LYS A 41 17.23 -7.42 7.51
N ARG A 42 17.47 -6.88 6.32
CA ARG A 42 17.04 -7.53 5.09
C ARG A 42 18.10 -8.50 4.56
N LYS A 43 17.64 -9.63 4.04
CA LYS A 43 18.51 -10.62 3.43
C LYS A 43 18.17 -10.77 1.95
N PHE A 44 19.18 -10.69 1.10
CA PHE A 44 18.98 -10.77 -0.36
C PHE A 44 18.69 -12.20 -0.81
N LEU A 45 17.56 -12.37 -1.49
CA LEU A 45 17.20 -13.67 -2.04
C LEU A 45 18.27 -14.13 -3.03
N PRO A 46 18.77 -15.35 -2.85
CA PRO A 46 19.85 -15.90 -3.69
C PRO A 46 19.59 -15.69 -5.17
N GLU A 47 20.59 -15.15 -5.87
CA GLU A 47 20.47 -14.81 -7.28
C GLU A 47 19.92 -15.96 -8.12
N ASP A 48 20.12 -17.19 -7.64
CA ASP A 48 19.69 -18.37 -8.40
C ASP A 48 18.19 -18.63 -8.32
N ILE A 49 17.57 -18.26 -7.19
CA ILE A 49 16.14 -18.46 -7.02
C ILE A 49 15.32 -17.52 -7.89
N GLY A 50 14.54 -18.10 -8.80
CA GLY A 50 13.70 -17.33 -9.69
C GLY A 50 14.49 -16.58 -10.75
N VAL A 63 5.64 -19.87 -14.24
CA VAL A 63 5.81 -19.49 -12.83
C VAL A 63 6.87 -20.35 -12.13
N ASP A 64 7.95 -19.70 -11.70
CA ASP A 64 9.05 -20.40 -11.04
C ASP A 64 8.61 -20.98 -9.70
N LEU A 65 8.65 -22.30 -9.60
CA LEU A 65 8.16 -23.00 -8.41
C LEU A 65 8.73 -22.47 -7.09
N GLU A 66 10.05 -22.47 -6.94
CA GLU A 66 10.64 -22.12 -5.65
C GLU A 66 10.49 -20.64 -5.29
N ALA A 67 10.65 -19.76 -6.27
CA ALA A 67 10.44 -18.33 -6.04
C ALA A 67 9.03 -18.07 -5.50
N PHE A 68 8.04 -18.65 -6.17
CA PHE A 68 6.65 -18.56 -5.75
C PHE A 68 6.48 -19.07 -4.33
N SER A 69 7.22 -20.13 -4.01
CA SER A 69 7.16 -20.74 -2.69
C SER A 69 7.65 -19.79 -1.60
N HIS A 70 8.78 -19.14 -1.85
CA HIS A 70 9.33 -18.20 -0.90
C HIS A 70 8.37 -17.03 -0.65
N PHE A 71 7.82 -16.46 -1.72
CA PHE A 71 6.91 -15.32 -1.59
C PHE A 71 5.66 -15.69 -0.81
N THR A 72 5.06 -16.83 -1.16
CA THR A 72 3.78 -17.22 -0.57
C THR A 72 3.91 -17.67 0.87
N LYS A 73 5.11 -18.06 1.29
CA LYS A 73 5.34 -18.49 2.66
C LYS A 73 5.39 -17.30 3.64
N ILE A 74 5.55 -16.09 3.11
CA ILE A 74 5.60 -14.91 3.96
C ILE A 74 4.49 -13.90 3.66
N ILE A 75 3.55 -14.25 2.80
CA ILE A 75 2.47 -13.32 2.47
C ILE A 75 1.39 -13.26 3.54
N THR A 76 1.25 -14.35 4.30
CA THR A 76 0.25 -14.36 5.37
C THR A 76 0.49 -13.25 6.39
N PRO A 77 1.72 -13.14 6.91
CA PRO A 77 2.04 -12.05 7.84
C PRO A 77 1.79 -10.67 7.21
N ALA A 78 2.28 -10.48 5.99
CA ALA A 78 2.12 -9.22 5.28
C ALA A 78 0.65 -8.83 5.21
N ILE A 79 -0.21 -9.79 4.90
CA ILE A 79 -1.64 -9.53 4.80
C ILE A 79 -2.24 -9.12 6.16
N THR A 80 -1.96 -9.89 7.21
CA THR A 80 -2.58 -9.60 8.50
C THR A 80 -2.13 -8.24 9.04
N ARG A 81 -0.94 -7.80 8.64
CA ARG A 81 -0.45 -6.50 9.07
C ARG A 81 -1.24 -5.36 8.42
N VAL A 82 -1.76 -5.61 7.22
CA VAL A 82 -2.65 -4.66 6.58
C VAL A 82 -3.97 -4.59 7.33
N VAL A 83 -4.49 -5.75 7.73
CA VAL A 83 -5.69 -5.80 8.55
C VAL A 83 -5.45 -5.08 9.88
N ASP A 84 -4.28 -5.32 10.46
CA ASP A 84 -3.90 -4.69 11.72
C ASP A 84 -3.87 -3.16 11.58
N PHE A 85 -3.42 -2.69 10.42
CA PHE A 85 -3.38 -1.26 10.16
C PHE A 85 -4.79 -0.68 10.16
N ALA A 86 -5.70 -1.35 9.46
CA ALA A 86 -7.08 -0.89 9.36
C ALA A 86 -7.78 -0.90 10.72
N LYS A 87 -7.54 -1.94 11.51
CA LYS A 87 -8.16 -2.08 12.83
C LYS A 87 -7.86 -0.88 13.74
N LYS A 88 -6.74 -0.22 13.48
CA LYS A 88 -6.32 0.90 14.32
C LYS A 88 -6.88 2.25 13.84
N LEU A 89 -7.80 2.20 12.88
CA LEU A 89 -8.47 3.40 12.40
C LEU A 89 -9.94 3.41 12.83
N PRO A 90 -10.28 4.23 13.84
CA PRO A 90 -11.63 4.30 14.40
C PRO A 90 -12.72 4.41 13.32
N MET A 91 -12.43 5.12 12.25
CA MET A 91 -13.38 5.25 11.15
C MET A 91 -13.68 3.87 10.55
N PHE A 92 -12.63 3.08 10.37
CA PHE A 92 -12.79 1.73 9.85
C PHE A 92 -13.66 0.88 10.77
N CAS A 93 -13.54 1.12 12.07
CA CAS A 93 -14.26 0.34 13.06
CB CAS A 93 -13.63 0.49 14.45
C CAS A 93 -15.75 0.67 13.10
O CAS A 93 -16.51 -0.08 13.61
SG CAS A 93 -12.02 -0.32 14.70
AS CAS A 93 -12.47 -2.48 15.13
CE1 CAS A 93 -11.06 -3.22 16.30
CE2 CAS A 93 -12.43 -3.46 13.42
N GLU A 94 -16.12 1.84 12.57
CA GLU A 94 -17.52 2.26 12.58
C GLU A 94 -18.31 1.60 11.47
N LEU A 95 -17.60 0.99 10.53
CA LEU A 95 -18.24 0.35 9.38
C LEU A 95 -18.73 -1.05 9.70
N PRO A 96 -19.79 -1.50 9.01
CA PRO A 96 -20.36 -2.84 9.19
C PRO A 96 -19.40 -3.92 8.70
N CYS A 97 -19.57 -5.13 9.21
CA CYS A 97 -18.68 -6.25 8.90
C CYS A 97 -18.50 -6.46 7.39
N GLU A 98 -19.61 -6.46 6.65
CA GLU A 98 -19.55 -6.74 5.22
C GLU A 98 -18.68 -5.73 4.48
N ASP A 99 -18.82 -4.46 4.84
CA ASP A 99 -18.04 -3.39 4.22
C ASP A 99 -16.58 -3.47 4.61
N GLN A 100 -16.32 -3.79 5.88
CA GLN A 100 -14.96 -3.95 6.36
C GLN A 100 -14.22 -4.99 5.54
N ILE A 101 -14.86 -6.13 5.30
CA ILE A 101 -14.28 -7.20 4.52
C ILE A 101 -14.00 -6.73 3.09
N ILE A 102 -14.97 -6.04 2.51
CA ILE A 102 -14.87 -5.59 1.12
C ILE A 102 -13.74 -4.56 0.95
N LEU A 103 -13.62 -3.63 1.90
CA LEU A 103 -12.55 -2.64 1.83
C LEU A 103 -11.19 -3.30 1.97
N LEU A 104 -11.07 -4.26 2.88
CA LEU A 104 -9.82 -4.96 3.10
C LEU A 104 -9.37 -5.77 1.88
N LYS A 105 -10.30 -6.53 1.29
CA LYS A 105 -9.98 -7.31 0.10
C LYS A 105 -9.59 -6.40 -1.05
N GLY A 106 -10.21 -5.23 -1.11
CA GLY A 106 -9.95 -4.28 -2.18
C GLY A 106 -8.59 -3.60 -2.14
N CYS A 107 -8.15 -3.21 -0.94
CA CYS A 107 -6.92 -2.43 -0.80
C CYS A 107 -5.70 -3.26 -0.43
N CYS A 108 -5.93 -4.54 -0.12
CA CYS A 108 -4.84 -5.35 0.41
C CYS A 108 -3.58 -5.31 -0.44
N MET A 109 -3.71 -5.65 -1.72
CA MET A 109 -2.57 -5.66 -2.63
C MET A 109 -2.05 -4.25 -2.87
N GLU A 110 -2.95 -3.28 -2.95
CA GLU A 110 -2.57 -1.89 -3.14
C GLU A 110 -1.64 -1.40 -2.04
N ILE A 111 -1.96 -1.73 -0.80
CA ILE A 111 -1.18 -1.28 0.34
C ILE A 111 0.12 -2.07 0.47
N MET A 112 0.05 -3.38 0.25
CA MET A 112 1.25 -4.22 0.30
C MET A 112 2.25 -3.77 -0.76
N SER A 113 1.72 -3.40 -1.93
CA SER A 113 2.56 -2.92 -3.02
C SER A 113 3.24 -1.60 -2.66
N LEU A 114 2.48 -0.69 -2.07
CA LEU A 114 3.04 0.57 -1.60
C LEU A 114 4.19 0.30 -0.64
N ARG A 115 3.94 -0.53 0.35
CA ARG A 115 4.93 -0.83 1.39
C ARG A 115 6.19 -1.46 0.80
N ALA A 116 6.05 -2.23 -0.27
CA ALA A 116 7.21 -2.78 -0.96
C ALA A 116 7.90 -1.70 -1.78
N ALA A 117 7.10 -0.88 -2.47
CA ALA A 117 7.62 0.17 -3.33
C ALA A 117 8.45 1.21 -2.57
N VAL A 118 7.97 1.66 -1.42
CA VAL A 118 8.68 2.69 -0.67
C VAL A 118 10.01 2.18 -0.10
N ARG A 119 10.23 0.87 -0.18
CA ARG A 119 11.47 0.31 0.32
C ARG A 119 12.38 -0.15 -0.82
N TYR A 120 12.20 0.50 -1.97
CA TYR A 120 13.10 0.29 -3.10
C TYR A 120 14.47 0.90 -2.80
N ASP A 121 15.53 0.19 -3.16
CA ASP A 121 16.89 0.65 -2.94
C ASP A 121 17.65 0.70 -4.25
N PRO A 122 17.98 1.92 -4.71
CA PRO A 122 18.71 2.09 -5.97
C PRO A 122 20.07 1.39 -5.97
N GLU A 123 20.73 1.37 -4.81
CA GLU A 123 22.03 0.72 -4.69
C GLU A 123 21.96 -0.72 -5.21
N SER A 124 21.08 -1.51 -4.59
CA SER A 124 20.95 -2.92 -4.94
C SER A 124 19.87 -3.15 -6.01
N GLU A 125 19.12 -2.10 -6.31
CA GLU A 125 17.98 -2.22 -7.22
C GLU A 125 17.03 -3.32 -6.77
N THR A 126 16.75 -3.35 -5.47
CA THR A 126 15.83 -4.34 -4.92
C THR A 126 14.68 -3.69 -4.15
N LEU A 127 13.61 -4.45 -3.98
CA LEU A 127 12.53 -4.07 -3.07
C LEU A 127 12.65 -4.98 -1.86
N THR A 128 12.16 -4.53 -0.71
CA THR A 128 12.18 -5.38 0.47
C THR A 128 10.77 -5.77 0.89
N LEU A 129 10.49 -7.07 0.87
CA LEU A 129 9.19 -7.61 1.25
C LEU A 129 9.19 -7.97 2.72
N ASN A 130 8.16 -7.52 3.44
CA ASN A 130 8.08 -7.73 4.88
C ASN A 130 9.30 -7.22 5.64
N GLY A 131 10.03 -6.30 5.01
CA GLY A 131 11.21 -5.71 5.64
C GLY A 131 12.37 -6.66 5.83
N GLU A 132 12.25 -7.88 5.33
CA GLU A 132 13.28 -8.88 5.53
C GLU A 132 13.82 -9.53 4.26
N MET A 133 12.99 -9.61 3.21
CA MET A 133 13.42 -10.27 1.97
C MET A 133 13.64 -9.28 0.81
N ALA A 134 14.89 -9.15 0.38
CA ALA A 134 15.23 -8.23 -0.70
C ALA A 134 15.26 -8.97 -2.04
N VAL A 135 14.44 -8.51 -2.98
CA VAL A 135 14.30 -9.17 -4.26
C VAL A 135 14.50 -8.21 -5.44
N THR A 136 14.98 -8.76 -6.56
CA THR A 136 15.13 -7.96 -7.76
C THR A 136 13.85 -8.01 -8.59
N ARG A 137 13.79 -7.16 -9.61
CA ARG A 137 12.65 -7.13 -10.53
C ARG A 137 12.39 -8.51 -11.13
N GLY A 138 13.45 -9.13 -11.62
CA GLY A 138 13.36 -10.44 -12.26
C GLY A 138 12.83 -11.51 -11.32
N GLN A 139 13.29 -11.50 -10.08
CA GLN A 139 12.86 -12.50 -9.09
C GLN A 139 11.38 -12.39 -8.78
N LEU A 140 10.93 -11.17 -8.46
CA LEU A 140 9.52 -10.93 -8.15
C LEU A 140 8.63 -11.28 -9.34
N LYS A 141 9.10 -10.93 -10.54
CA LYS A 141 8.34 -11.19 -11.76
C LYS A 141 8.16 -12.68 -12.03
N ASN A 142 9.22 -13.46 -11.86
CA ASN A 142 9.19 -14.89 -12.16
C ASN A 142 8.47 -15.70 -11.09
N GLY A 143 8.37 -15.15 -9.89
CA GLY A 143 7.72 -15.83 -8.79
C GLY A 143 6.21 -15.75 -8.79
N GLY A 144 5.65 -15.17 -9.85
CA GLY A 144 4.20 -15.13 -10.03
C GLY A 144 3.59 -13.79 -10.43
N LEU A 145 4.28 -12.70 -10.13
CA LEU A 145 3.72 -11.37 -10.33
C LEU A 145 3.71 -10.92 -11.80
N GLY A 146 4.59 -11.49 -12.60
CA GLY A 146 4.72 -11.02 -13.97
C GLY A 146 4.90 -9.52 -14.03
N VAL A 147 4.20 -8.87 -14.96
CA VAL A 147 4.37 -7.43 -15.18
C VAL A 147 4.01 -6.59 -13.95
N VAL A 148 3.30 -7.20 -12.99
CA VAL A 148 2.97 -6.48 -11.78
C VAL A 148 4.23 -6.11 -11.03
N SER A 149 5.26 -6.95 -11.18
CA SER A 149 6.57 -6.65 -10.62
C SER A 149 7.16 -5.38 -11.24
N ASP A 150 7.07 -5.28 -12.57
CA ASP A 150 7.56 -4.11 -13.28
C ASP A 150 6.87 -2.85 -12.78
N ALA A 151 5.56 -2.95 -12.59
CA ALA A 151 4.75 -1.83 -12.14
C ALA A 151 5.17 -1.36 -10.75
N ILE A 152 5.40 -2.31 -9.85
CA ILE A 152 5.78 -1.97 -8.48
C ILE A 152 7.19 -1.37 -8.44
N PHE A 153 8.10 -1.95 -9.21
CA PHE A 153 9.46 -1.43 -9.28
C PHE A 153 9.51 -0.04 -9.88
N ASP A 154 8.80 0.17 -10.98
CA ASP A 154 8.76 1.49 -11.60
C ASP A 154 8.20 2.52 -10.62
N LEU A 155 7.20 2.12 -9.84
CA LEU A 155 6.64 3.00 -8.83
C LEU A 155 7.69 3.35 -7.77
N GLY A 156 8.40 2.33 -7.30
CA GLY A 156 9.41 2.49 -6.27
C GLY A 156 10.51 3.45 -6.69
N MET A 157 11.07 3.24 -7.88
CA MET A 157 12.07 4.14 -8.43
C MET A 157 11.50 5.54 -8.49
N SER A 158 10.24 5.64 -8.89
CA SER A 158 9.58 6.91 -9.07
C SER A 158 9.37 7.64 -7.73
N LEU A 159 9.11 6.88 -6.68
CA LEU A 159 8.77 7.46 -5.39
C LEU A 159 9.98 7.96 -4.59
N SER A 160 11.17 7.49 -4.95
CA SER A 160 12.37 7.87 -4.21
C SER A 160 12.56 9.38 -4.17
N SER A 161 12.18 10.05 -5.25
CA SER A 161 12.31 11.51 -5.31
C SER A 161 11.16 12.24 -4.62
N PHE A 162 10.12 11.49 -4.23
CA PHE A 162 9.01 12.05 -3.47
C PHE A 162 9.37 12.21 -1.99
N ASN A 163 10.39 11.47 -1.57
CA ASN A 163 10.86 11.53 -0.18
C ASN A 163 9.74 11.46 0.85
N LEU A 164 8.84 10.49 0.68
CA LEU A 164 7.71 10.32 1.58
C LEU A 164 8.16 9.91 2.97
N ASP A 165 7.49 10.46 3.99
CA ASP A 165 7.72 10.03 5.37
C ASP A 165 6.61 9.07 5.82
N ASP A 166 6.76 8.49 7.00
CA ASP A 166 5.81 7.52 7.51
C ASP A 166 4.37 8.04 7.47
N THR A 167 4.21 9.33 7.75
CA THR A 167 2.89 9.95 7.77
C THR A 167 2.27 9.98 6.38
N GLU A 168 3.07 10.35 5.39
CA GLU A 168 2.62 10.40 4.02
C GLU A 168 2.25 9.01 3.50
N VAL A 169 3.10 8.03 3.80
CA VAL A 169 2.80 6.64 3.44
C VAL A 169 1.50 6.20 4.12
N ALA A 170 1.37 6.49 5.41
CA ALA A 170 0.19 6.13 6.18
C ALA A 170 -1.07 6.69 5.55
N LEU A 171 -1.02 7.96 5.17
CA LEU A 171 -2.18 8.63 4.58
C LEU A 171 -2.57 8.06 3.22
N LEU A 172 -1.57 7.72 2.41
CA LEU A 172 -1.81 7.01 1.15
C LEU A 172 -2.59 5.73 1.43
N GLN A 173 -2.13 4.97 2.43
CA GLN A 173 -2.79 3.72 2.79
C GLN A 173 -4.24 3.94 3.18
N ALA A 174 -4.47 4.95 4.04
CA ALA A 174 -5.83 5.29 4.48
C ALA A 174 -6.73 5.70 3.32
N VAL A 175 -6.17 6.42 2.36
CA VAL A 175 -6.93 6.82 1.17
C VAL A 175 -7.30 5.59 0.32
N LEU A 176 -6.34 4.68 0.17
CA LEU A 176 -6.58 3.44 -0.56
C LEU A 176 -7.65 2.59 0.14
N LEU A 177 -7.53 2.47 1.46
CA LEU A 177 -8.49 1.71 2.25
C LEU A 177 -9.93 2.21 2.06
N MET A 178 -10.13 3.51 2.23
CA MET A 178 -11.47 4.10 2.18
C MET A 178 -11.93 4.38 0.76
N SER A 179 -12.00 3.34 -0.06
CA SER A 179 -12.45 3.49 -1.45
C SER A 179 -13.91 3.14 -1.58
N SER A 180 -14.75 4.15 -1.77
CA SER A 180 -16.19 3.98 -1.79
C SER A 180 -16.71 3.29 -3.05
N ASP A 181 -15.80 2.95 -3.96
CA ASP A 181 -16.21 2.35 -5.23
C ASP A 181 -16.03 0.83 -5.33
N ARG A 182 -15.51 0.21 -4.27
CA ARG A 182 -15.44 -1.24 -4.25
C ARG A 182 -16.82 -1.82 -4.52
N PRO A 183 -16.90 -2.83 -5.39
CA PRO A 183 -18.20 -3.44 -5.66
C PRO A 183 -18.83 -4.01 -4.39
N GLY A 184 -20.13 -3.79 -4.22
CA GLY A 184 -20.87 -4.42 -3.14
C GLY A 184 -20.92 -3.67 -1.82
N LEU A 185 -20.28 -2.51 -1.76
CA LEU A 185 -20.29 -1.72 -0.53
C LEU A 185 -21.70 -1.24 -0.19
N ALA A 186 -22.00 -1.16 1.10
CA ALA A 186 -23.29 -0.63 1.56
C ALA A 186 -23.15 0.84 1.93
N CAS A 187 -22.08 1.15 2.66
CA CAS A 187 -21.84 2.48 3.20
CB CAS A 187 -21.26 2.41 4.62
C CAS A 187 -21.05 3.42 2.26
O CAS A 187 -20.20 4.12 2.71
SG CAS A 187 -22.31 1.63 5.89
AS CAS A 187 -23.77 3.15 6.64
CE1 CAS A 187 -25.62 2.60 6.12
CE2 CAS A 187 -23.40 4.89 5.80
N VAL A 188 -21.42 3.44 0.98
CA VAL A 188 -20.75 4.29 0.01
C VAL A 188 -20.53 5.73 0.50
N GLU A 189 -21.60 6.39 0.90
CA GLU A 189 -21.54 7.80 1.30
C GLU A 189 -20.58 8.02 2.47
N ARG A 190 -20.70 7.18 3.49
CA ARG A 190 -19.89 7.30 4.70
C ARG A 190 -18.40 7.07 4.42
N ILE A 191 -18.10 6.09 3.58
CA ILE A 191 -16.71 5.75 3.27
C ILE A 191 -16.05 6.85 2.44
N GLU A 192 -16.84 7.45 1.54
CA GLU A 192 -16.36 8.55 0.72
C GLU A 192 -16.06 9.76 1.60
N LYS A 193 -16.93 9.99 2.58
CA LYS A 193 -16.75 11.07 3.54
C LYS A 193 -15.51 10.83 4.41
N TYR A 194 -15.25 9.58 4.74
CA TYR A 194 -14.03 9.24 5.48
C TYR A 194 -12.80 9.56 4.63
N GLN A 195 -12.85 9.17 3.36
CA GLN A 195 -11.73 9.38 2.46
C GLN A 195 -11.45 10.87 2.27
N ASP A 196 -12.51 11.65 2.07
CA ASP A 196 -12.39 13.09 1.92
C ASP A 196 -11.67 13.68 3.14
N SER A 197 -12.01 13.17 4.31
CA SER A 197 -11.37 13.61 5.54
C SER A 197 -9.87 13.32 5.52
N PHE A 198 -9.50 12.16 5.00
CA PHE A 198 -8.09 11.78 4.89
C PHE A 198 -7.37 12.60 3.83
N LEU A 199 -8.03 12.79 2.69
CA LEU A 199 -7.46 13.56 1.58
C LEU A 199 -7.16 15.01 1.98
N LEU A 200 -8.06 15.61 2.74
CA LEU A 200 -7.90 16.98 3.17
C LEU A 200 -6.73 17.10 4.15
N ALA A 201 -6.71 16.23 5.14
CA ALA A 201 -5.63 16.20 6.11
C ALA A 201 -4.30 15.96 5.40
N PHE A 202 -4.35 15.07 4.41
CA PHE A 202 -3.17 14.72 3.62
C PHE A 202 -2.63 15.95 2.90
N GLU A 203 -3.50 16.65 2.19
CA GLU A 203 -3.08 17.83 1.44
C GLU A 203 -2.54 18.90 2.36
N HIS A 204 -3.14 19.03 3.54
CA HIS A 204 -2.67 20.01 4.51
C HIS A 204 -1.31 19.61 5.07
N TYR A 205 -1.12 18.32 5.31
CA TYR A 205 0.17 17.84 5.79
C TYR A 205 1.24 18.11 4.75
N ILE A 206 0.89 17.94 3.49
CA ILE A 206 1.83 18.19 2.39
C ILE A 206 2.21 19.68 2.25
N ASN A 207 1.25 20.57 2.52
CA ASN A 207 1.54 22.01 2.53
C ASN A 207 2.53 22.32 3.64
N TYR A 208 2.31 21.70 4.79
CA TYR A 208 3.18 21.86 5.95
C TYR A 208 4.59 21.35 5.70
N ARG A 209 4.72 20.29 4.91
CA ARG A 209 6.00 19.64 4.66
C ARG A 209 6.88 20.41 3.66
N LYS A 210 6.24 21.20 2.81
CA LYS A 210 6.96 22.01 1.82
C LYS A 210 8.02 21.23 1.05
N HIS A 211 7.58 20.20 0.31
CA HIS A 211 8.46 19.47 -0.58
C HIS A 211 8.98 20.41 -1.66
N HIS A 212 10.26 20.26 -2.00
C HIS A 212 10.59 21.02 -4.72
N VAL A 213 9.37 20.49 -4.68
CA VAL A 213 8.82 19.74 -5.79
C VAL A 213 7.52 20.39 -6.29
N THR A 214 7.48 20.72 -7.57
CA THR A 214 6.32 21.39 -8.16
C THR A 214 5.16 20.43 -8.32
N HIS A 215 3.94 20.94 -8.16
CA HIS A 215 2.73 20.16 -8.32
C HIS A 215 2.79 18.83 -7.55
N PHE A 216 3.31 18.88 -6.33
CA PHE A 216 3.49 17.67 -5.54
C PHE A 216 2.20 16.90 -5.32
N TRP A 217 1.18 17.57 -4.79
CA TRP A 217 -0.10 16.93 -4.48
C TRP A 217 -0.72 16.23 -5.70
N PRO A 218 -0.86 16.94 -6.82
CA PRO A 218 -1.38 16.31 -8.04
C PRO A 218 -0.52 15.10 -8.46
N LYS A 219 0.78 15.22 -8.34
CA LYS A 219 1.68 14.14 -8.72
C LYS A 219 1.50 12.92 -7.80
N LEU A 220 1.26 13.19 -6.52
CA LEU A 220 1.06 12.12 -5.55
C LEU A 220 -0.23 11.36 -5.85
N LEU A 221 -1.30 12.10 -6.12
CA LEU A 221 -2.59 11.49 -6.44
C LEU A 221 -2.52 10.56 -7.65
N MET A 222 -1.65 10.88 -8.61
CA MET A 222 -1.45 9.99 -9.76
C MET A 222 -0.90 8.64 -9.31
N LYS A 223 -0.13 8.63 -8.22
CA LYS A 223 0.38 7.39 -7.67
C LYS A 223 -0.74 6.54 -7.10
N VAL A 224 -1.76 7.18 -6.55
CA VAL A 224 -2.92 6.48 -6.03
C VAL A 224 -3.55 5.67 -7.14
N THR A 225 -3.73 6.32 -8.30
CA THR A 225 -4.27 5.65 -9.47
C THR A 225 -3.41 4.46 -9.90
N ASP A 226 -2.10 4.64 -9.89
CA ASP A 226 -1.18 3.57 -10.28
C ASP A 226 -1.25 2.37 -9.34
N LEU A 227 -1.33 2.64 -8.04
CA LEU A 227 -1.49 1.60 -7.04
C LEU A 227 -2.80 0.86 -7.27
N ARG A 228 -3.82 1.61 -7.69
CA ARG A 228 -5.10 1.06 -8.06
C ARG A 228 -4.91 0.03 -9.17
N MET A 229 -4.16 0.42 -10.20
CA MET A 229 -3.88 -0.44 -11.34
C MET A 229 -3.12 -1.69 -10.93
N ILE A 230 -2.15 -1.51 -10.04
CA ILE A 230 -1.35 -2.63 -9.57
C ILE A 230 -2.23 -3.68 -8.88
N GLY A 231 -3.17 -3.21 -8.07
CA GLY A 231 -4.12 -4.10 -7.44
C GLY A 231 -4.95 -4.87 -8.45
N ALA A 232 -5.46 -4.17 -9.45
CA ALA A 232 -6.32 -4.79 -10.46
C ALA A 232 -5.57 -5.82 -11.30
N CAS A 233 -4.36 -5.49 -11.74
CA CAS A 233 -3.56 -6.42 -12.52
CB CAS A 233 -2.29 -5.82 -13.14
C CAS A 233 -3.14 -7.64 -11.71
O CAS A 233 -2.92 -8.68 -12.24
SG CAS A 233 -2.47 -4.46 -14.31
AS CAS A 233 -0.38 -4.11 -15.06
CE1 CAS A 233 -0.14 -4.83 -16.88
CE2 CAS A 233 0.95 -4.83 -13.81
N HIS A 234 -2.99 -7.45 -10.40
CA HIS A 234 -2.63 -8.56 -9.54
C HIS A 234 -3.77 -9.57 -9.49
N ALA A 235 -5.00 -9.07 -9.51
CA ALA A 235 -6.17 -9.93 -9.55
C ALA A 235 -6.11 -10.84 -10.77
N SER A 236 -5.79 -10.25 -11.92
CA SER A 236 -5.64 -11.01 -13.15
C SER A 236 -4.47 -11.99 -13.05
N ARG A 237 -3.37 -11.54 -12.44
CA ARG A 237 -2.21 -12.39 -12.23
C ARG A 237 -2.59 -13.59 -11.38
N PHE A 238 -3.46 -13.36 -10.40
CA PHE A 238 -3.91 -14.43 -9.52
C PHE A 238 -4.69 -15.49 -10.29
N LEU A 239 -5.49 -15.05 -11.25
CA LEU A 239 -6.23 -15.99 -12.09
C LEU A 239 -5.28 -16.81 -12.94
N HIS A 240 -4.25 -16.16 -13.47
CA HIS A 240 -3.22 -16.85 -14.25
C HIS A 240 -2.47 -17.85 -13.39
N MET A 241 -2.27 -17.50 -12.12
CA MET A 241 -1.52 -18.37 -11.20
C MET A 241 -2.26 -19.67 -10.89
N LYS A 242 -3.53 -19.57 -10.49
CA LYS A 242 -4.28 -20.76 -10.12
C LYS A 242 -4.67 -21.62 -11.33
N VAL A 243 -4.22 -21.21 -12.51
CA VAL A 243 -4.31 -22.05 -13.69
C VAL A 243 -3.04 -22.88 -13.80
N GLU A 244 -1.93 -22.32 -13.28
CA GLU A 244 -0.64 -22.99 -13.30
C GLU A 244 -0.34 -23.69 -11.97
N CYS A 245 0.20 -22.92 -11.01
CA CYS A 245 0.49 -23.45 -9.68
C CYS A 245 -0.69 -24.24 -9.15
N PRO A 246 -0.44 -25.19 -8.23
CA PRO A 246 -1.57 -25.95 -7.71
C PRO A 246 -2.42 -25.05 -6.82
N THR A 247 -3.36 -25.64 -6.08
CA THR A 247 -4.15 -24.87 -5.14
C THR A 247 -3.56 -25.01 -3.75
N GLU A 248 -2.84 -26.10 -3.53
CA GLU A 248 -2.22 -26.38 -2.23
C GLU A 248 -1.01 -25.48 -1.99
N LEU A 249 -0.57 -24.78 -3.03
CA LEU A 249 0.56 -23.87 -2.92
C LEU A 249 0.13 -22.53 -2.36
N PHE A 250 -1.17 -22.31 -2.27
CA PHE A 250 -1.72 -21.05 -1.80
C PHE A 250 -2.14 -21.13 -0.35
N PRO A 251 -1.57 -20.27 0.51
CA PRO A 251 -1.95 -20.15 1.92
C PRO A 251 -3.42 -19.75 2.06
N PRO A 252 -4.10 -20.27 3.10
CA PRO A 252 -5.54 -20.07 3.32
C PRO A 252 -5.96 -18.59 3.36
N LEU A 253 -5.17 -17.74 3.98
CA LEU A 253 -5.52 -16.32 4.07
C LEU A 253 -5.35 -15.64 2.72
N PHE A 254 -4.34 -16.07 1.96
CA PHE A 254 -4.12 -15.56 0.62
C PHE A 254 -5.35 -15.84 -0.23
N LEU A 255 -5.94 -17.03 -0.05
CA LEU A 255 -7.12 -17.41 -0.79
C LEU A 255 -8.34 -16.59 -0.36
N GLU A 256 -8.51 -16.41 0.95
CA GLU A 256 -9.64 -15.64 1.45
C GLU A 256 -9.69 -14.22 0.87
N VAL A 257 -8.54 -13.57 0.80
CA VAL A 257 -8.46 -12.17 0.40
C VAL A 257 -8.69 -11.94 -1.10
N PHE A 258 -8.08 -12.79 -1.92
CA PHE A 258 -8.20 -12.65 -3.36
C PHE A 258 -9.22 -13.64 -3.93
N GLU A 259 -9.87 -14.36 -3.02
CA GLU A 259 -10.96 -15.31 -3.31
C GLU A 259 -10.64 -16.33 -4.38
C1 T3 B . 4.36 -7.64 0.55
C2 T3 B . 3.83 -10.55 -3.45
C3 T3 B . 4.59 -9.11 0.63
C4 T3 B . 4.03 -11.77 -4.19
C5 T3 B . 4.78 -9.83 -0.51
C6 T3 B . 2.94 -12.44 -4.76
C7 T3 B . 4.73 -9.19 -1.76
C8 T3 B . 1.68 -11.93 -4.63
C9 T3 B . 4.51 -7.77 -1.84
C10 T3 B . 1.47 -10.67 -3.88
C11 T3 B . 4.33 -7.02 -0.66
C12 T3 B . 2.53 -10.02 -3.31
C13 T3 B . 4.18 -6.84 1.84
CA T3 B . 5.08 -5.62 2.00
C T3 B . 5.06 -5.07 3.41
I1 T3 B . 5.13 -11.92 -0.39
I2 T3 B . 3.32 -14.23 -5.82
I3 T3 B . 4.50 -6.82 -3.72
N T3 B . 6.43 -5.80 1.49
O1 T3 B . 0.58 -12.57 -5.22
O2 T3 B . 4.96 -9.90 -2.93
OXT T3 B . 6.01 -4.54 3.86
O T3 B . 3.88 -5.19 4.16
#